data_3H8X
#
_entry.id   3H8X
#
_cell.length_a   79.110
_cell.length_b   79.110
_cell.length_c   242.270
_cell.angle_alpha   90.00
_cell.angle_beta   90.00
_cell.angle_gamma   120.00
#
_symmetry.space_group_name_H-M   'P 65 2 2'
#
loop_
_entity.id
_entity.type
_entity.pdbx_description
1 polymer 'Alpha-ketoglutarate-dependent dioxygenase alkB homolog 2'
2 polymer "5'-D(*CP*TP*GP*TP*(ME6)P*TP*(2YR)P*AP*TP*TP*GP*CP*G)-3'"
3 polymer "5'-D(*TP*CP*GP*CP*AP*AP*TP*AP*AP*GP*AP*CP*A)-3'"
4 water water
#
loop_
_entity_poly.entity_id
_entity_poly.type
_entity_poly.pdbx_seq_one_letter_code
_entity_poly.pdbx_strand_id
1 'polypeptide(L)'
;GSHSWRHIRAEGLDSSYTVLFGKAEADEIFQELEKEVEYFTGALARVQVFGKWHSVPRKQATYGDAGLTYTFSGLTLSPK
PWIPVLERIRDHVSGVTGQTFNFVLINRYKDGSDHIGEHRDDCRELAPGSPIASVSFGASRDFVFRHKDSRGKSPSRRVA
VVRLPLAHGSLLMMNHPTNTHWYHSLPVRKKVLAPRVNLTFRKILLTKK
;
A
2 'polydeoxyribonucleotide' (DC)(DT)(DG)(DT)(ME6)(DT)(2YR)(DA)(DT)(DT)(DG)(DC)(DG) B
3 'polydeoxyribonucleotide' (DT)(DC)(DG)(DC)(DA)(DA)(DT)(DA)(DA)(DG)(DA)(DC)(DA) C
#
loop_
_chem_comp.id
_chem_comp.type
_chem_comp.name
_chem_comp.formula
2YR non-polymer '2'-deoxy-N-(2-sulfanylethyl)cytidine 5'-(dihydrogen phosphate)' 'C11 H18 N3 O7 P S'
DA DNA linking 2'-DEOXYADENOSINE-5'-MONOPHOSPHATE 'C10 H14 N5 O6 P'
DC DNA linking 2'-DEOXYCYTIDINE-5'-MONOPHOSPHATE 'C9 H14 N3 O7 P'
DG DNA linking 2'-DEOXYGUANOSINE-5'-MONOPHOSPHATE 'C10 H14 N5 O7 P'
DT DNA linking THYMIDINE-5'-MONOPHOSPHATE 'C10 H15 N2 O8 P'
ME6 DNA linking '[(2R,3S,5R)-5-(4-azanyl-3-methyl-2-oxo-pyrimidin-3-ium-1-yl)-3-hydroxy-oxolan-2-yl]methyl dihydrogen phosphate' 'C10 H17 N3 O7 P 1'
#
# COMPACT_ATOMS: atom_id res chain seq x y z
N HIS A 3 1.85 -15.58 13.78
CA HIS A 3 1.08 -16.17 12.63
C HIS A 3 -0.37 -16.59 12.97
N SER A 4 -1.05 -15.79 13.79
CA SER A 4 -2.51 -15.81 13.83
C SER A 4 -3.07 -14.78 12.82
N TRP A 5 -3.78 -15.25 11.81
CA TRP A 5 -4.27 -14.36 10.75
C TRP A 5 -5.79 -14.20 10.75
N ARG A 6 -6.26 -12.99 10.51
CA ARG A 6 -7.65 -12.80 10.18
C ARG A 6 -7.79 -12.91 8.66
N HIS A 7 -8.63 -13.82 8.20
CA HIS A 7 -8.83 -13.97 6.76
C HIS A 7 -10.00 -13.12 6.29
N ILE A 8 -9.75 -12.40 5.20
CA ILE A 8 -10.73 -11.52 4.61
C ILE A 8 -11.16 -12.18 3.33
N ARG A 9 -12.40 -12.65 3.31
CA ARG A 9 -12.93 -13.36 2.14
C ARG A 9 -14.23 -12.73 1.68
N ALA A 10 -14.32 -12.54 0.38
CA ALA A 10 -15.56 -12.18 -0.30
C ALA A 10 -15.33 -12.71 -1.71
N GLU A 11 -16.26 -12.44 -2.61
CA GLU A 11 -16.13 -13.03 -3.93
C GLU A 11 -14.94 -12.44 -4.66
N GLY A 12 -14.01 -13.28 -5.07
CA GLY A 12 -12.81 -12.82 -5.77
C GLY A 12 -11.88 -12.03 -4.85
N LEU A 13 -12.14 -12.09 -3.56
CA LEU A 13 -11.33 -11.38 -2.55
C LEU A 13 -10.65 -12.37 -1.62
N ASP A 14 -9.31 -12.38 -1.63
CA ASP A 14 -8.55 -13.27 -0.75
C ASP A 14 -7.35 -12.52 -0.16
N SER A 15 -7.54 -11.99 1.04
CA SER A 15 -6.46 -11.31 1.74
C SER A 15 -6.40 -11.78 3.18
N SER A 16 -5.35 -11.41 3.89
CA SER A 16 -5.28 -11.79 5.29
C SER A 16 -4.53 -10.73 6.06
N TYR A 17 -4.82 -10.62 7.35
CA TYR A 17 -4.33 -9.51 8.16
C TYR A 17 -3.80 -10.05 9.47
N THR A 18 -2.66 -9.51 9.90
CA THR A 18 -2.06 -9.90 11.16
C THR A 18 -1.21 -8.74 11.70
N VAL A 19 -1.00 -8.74 13.01
CA VAL A 19 -0.11 -7.79 13.63
C VAL A 19 1.27 -8.42 13.73
N LEU A 20 2.24 -7.87 13.00
CA LEU A 20 3.61 -8.40 12.98
C LEU A 20 4.39 -7.97 14.20
N PHE A 21 4.25 -6.72 14.58
CA PHE A 21 5.15 -6.16 15.59
C PHE A 21 4.37 -5.56 16.76
N GLY A 22 4.89 -5.67 17.96
CA GLY A 22 4.26 -5.05 19.12
C GLY A 22 4.51 -3.54 19.08
N LYS A 23 3.88 -2.81 19.99
CA LYS A 23 3.99 -1.35 20.00
C LYS A 23 5.44 -0.85 20.02
N ALA A 24 6.28 -1.38 20.93
CA ALA A 24 7.62 -0.81 21.10
C ALA A 24 8.47 -0.99 19.83
N GLU A 25 8.39 -2.17 19.22
CA GLU A 25 9.16 -2.45 18.04
C GLU A 25 8.64 -1.61 16.86
N ALA A 26 7.32 -1.53 16.72
CA ALA A 26 6.72 -0.77 15.62
C ALA A 26 7.03 0.72 15.75
N ASP A 27 7.18 1.20 17.00
CA ASP A 27 7.53 2.60 17.24
C ASP A 27 8.96 2.82 16.75
N GLU A 28 9.84 1.89 17.10
CA GLU A 28 11.25 2.00 16.70
C GLU A 28 11.36 1.99 15.17
N ILE A 29 10.59 1.11 14.52
CA ILE A 29 10.66 1.02 13.07
C ILE A 29 10.08 2.30 12.43
N PHE A 30 8.97 2.79 12.98
CA PHE A 30 8.37 4.03 12.48
C PHE A 30 9.37 5.21 12.56
N GLN A 31 10.04 5.35 13.71
CA GLN A 31 11.05 6.40 13.93
CA GLN A 31 10.97 6.46 13.85
C GLN A 31 12.15 6.34 12.88
N GLU A 32 12.64 5.12 12.64
CA GLU A 32 13.68 4.93 11.63
C GLU A 32 13.17 5.22 10.19
N LEU A 33 11.93 4.82 9.89
CA LEU A 33 11.33 5.17 8.59
C LEU A 33 11.27 6.68 8.43
N GLU A 34 10.84 7.38 9.47
CA GLU A 34 10.77 8.83 9.41
C GLU A 34 12.15 9.47 9.22
N LYS A 35 13.15 8.90 9.87
CA LYS A 35 14.51 9.44 9.75
C LYS A 35 15.09 9.18 8.34
N GLU A 36 14.83 8.00 7.79
CA GLU A 36 15.62 7.54 6.65
C GLU A 36 14.95 7.58 5.26
N VAL A 37 13.64 7.48 5.20
CA VAL A 37 13.01 7.40 3.90
C VAL A 37 13.07 8.76 3.16
N GLU A 38 13.48 8.74 1.89
CA GLU A 38 13.49 9.96 1.05
C GLU A 38 12.32 9.98 0.07
N TYR A 39 11.45 10.97 0.20
CA TYR A 39 10.23 11.00 -0.63
C TYR A 39 10.45 11.85 -1.88
N PHE A 40 9.78 11.48 -2.97
CA PHE A 40 9.79 12.30 -4.20
C PHE A 40 9.14 13.67 -3.98
N THR A 41 9.59 14.66 -4.73
CA THR A 41 9.02 16.01 -4.63
C THR A 41 8.76 16.57 -6.04
N GLY A 42 8.03 17.70 -6.13
CA GLY A 42 7.94 18.44 -7.40
C GLY A 42 7.40 17.63 -8.56
N ALA A 43 8.13 17.61 -9.67
CA ALA A 43 7.62 16.95 -10.88
C ALA A 43 7.42 15.45 -10.68
N LEU A 44 8.08 14.87 -9.68
CA LEU A 44 7.97 13.44 -9.46
C LEU A 44 6.89 13.15 -8.44
N ALA A 45 6.05 14.15 -8.18
CA ALA A 45 4.93 13.96 -7.29
C ALA A 45 3.65 14.49 -7.90
N ARG A 46 3.62 14.57 -9.23
CA ARG A 46 2.40 14.98 -9.91
C ARG A 46 1.92 13.86 -10.82
N VAL A 47 0.60 13.66 -10.86
CA VAL A 47 -0.03 12.63 -11.66
C VAL A 47 -1.13 13.25 -12.48
N GLN A 48 -1.57 12.55 -13.53
CA GLN A 48 -2.64 13.02 -14.39
C GLN A 48 -3.81 12.05 -14.31
N VAL A 49 -4.99 12.56 -13.93
CA VAL A 49 -6.19 11.74 -13.84
C VAL A 49 -7.35 12.53 -14.38
N PHE A 50 -8.18 11.88 -15.19
CA PHE A 50 -9.27 12.57 -15.86
C PHE A 50 -8.81 13.78 -16.64
N GLY A 51 -7.59 13.72 -17.17
CA GLY A 51 -7.10 14.77 -18.05
C GLY A 51 -6.59 16.00 -17.30
N LYS A 52 -6.47 15.89 -15.98
CA LYS A 52 -6.00 17.02 -15.17
C LYS A 52 -4.82 16.59 -14.32
N TRP A 53 -3.83 17.46 -14.16
CA TRP A 53 -2.65 17.14 -13.37
C TRP A 53 -2.80 17.63 -11.93
N HIS A 54 -2.32 16.83 -10.98
CA HIS A 54 -2.42 17.11 -9.53
C HIS A 54 -1.16 16.66 -8.80
N SER A 55 -0.76 17.40 -7.78
CA SER A 55 0.22 16.90 -6.81
C SER A 55 -0.50 15.83 -5.99
N VAL A 56 0.19 14.76 -5.65
CA VAL A 56 -0.49 13.67 -4.94
C VAL A 56 -0.77 14.12 -3.50
N PRO A 57 -1.95 13.78 -2.95
CA PRO A 57 -2.26 14.24 -1.60
C PRO A 57 -1.62 13.29 -0.55
N ARG A 58 -0.29 13.18 -0.61
CA ARG A 58 0.49 12.36 0.33
C ARG A 58 1.93 12.50 -0.15
N LYS A 59 2.85 11.73 0.42
CA LYS A 59 4.19 11.68 -0.12
C LYS A 59 4.46 10.26 -0.52
N GLN A 60 5.22 10.05 -1.59
CA GLN A 60 5.53 8.67 -2.04
C GLN A 60 7.03 8.49 -2.23
N ALA A 61 7.48 7.25 -2.09
CA ALA A 61 8.85 6.89 -2.40
C ALA A 61 8.87 5.47 -2.95
N THR A 62 9.88 5.15 -3.74
CA THR A 62 10.04 3.77 -4.22
C THR A 62 11.47 3.30 -3.97
N TYR A 63 11.58 2.06 -3.53
CA TYR A 63 12.88 1.49 -3.28
C TYR A 63 12.81 0.11 -3.91
N GLY A 64 13.94 -0.42 -4.37
CA GLY A 64 13.95 -1.75 -4.93
C GLY A 64 15.23 -2.05 -5.67
N ASP A 65 15.27 -3.21 -6.33
CA ASP A 65 16.42 -3.62 -7.12
C ASP A 65 16.63 -2.68 -8.33
N ALA A 66 17.89 -2.59 -8.75
CA ALA A 66 18.27 -1.79 -9.90
C ALA A 66 17.45 -2.19 -11.13
N GLY A 67 17.13 -1.21 -11.96
CA GLY A 67 16.52 -1.49 -13.26
C GLY A 67 15.00 -1.45 -13.28
N LEU A 68 14.39 -1.65 -12.13
CA LEU A 68 12.93 -1.69 -12.07
C LEU A 68 12.40 -0.29 -12.26
N THR A 69 11.19 -0.18 -12.80
CA THR A 69 10.51 1.12 -12.80
C THR A 69 9.05 0.87 -12.46
N TYR A 70 8.36 1.93 -12.07
CA TYR A 70 7.01 1.81 -11.55
C TYR A 70 6.25 3.01 -12.09
N THR A 71 5.14 2.76 -12.77
CA THR A 71 4.42 3.79 -13.49
C THR A 71 2.93 3.73 -13.18
N PHE A 72 2.34 4.86 -12.82
CA PHE A 72 0.89 4.91 -12.71
C PHE A 72 0.44 6.35 -12.95
N SER A 73 -0.74 6.51 -13.56
CA SER A 73 -1.37 7.82 -13.71
C SER A 73 -0.42 8.88 -14.32
N GLY A 74 0.35 8.48 -15.32
CA GLY A 74 1.21 9.44 -16.03
C GLY A 74 2.52 9.75 -15.30
N LEU A 75 2.83 8.99 -14.25
CA LEU A 75 4.03 9.25 -13.47
C LEU A 75 4.92 8.00 -13.41
N THR A 76 6.19 8.15 -13.77
CA THR A 76 7.14 7.04 -13.66
C THR A 76 8.12 7.32 -12.53
N LEU A 77 8.25 6.34 -11.65
CA LEU A 77 9.15 6.47 -10.52
C LEU A 77 10.27 5.46 -10.70
N SER A 78 11.49 5.84 -10.35
CA SER A 78 12.62 4.90 -10.32
C SER A 78 12.98 4.58 -8.88
N PRO A 79 13.22 3.29 -8.60
CA PRO A 79 13.47 2.86 -7.23
C PRO A 79 14.86 3.28 -6.73
N LYS A 80 14.92 3.76 -5.50
CA LYS A 80 16.21 3.98 -4.85
C LYS A 80 16.73 2.64 -4.34
N PRO A 81 18.07 2.50 -4.23
CA PRO A 81 18.62 1.26 -3.67
C PRO A 81 18.14 0.99 -2.23
N TRP A 82 17.94 -0.29 -1.92
CA TRP A 82 17.49 -0.69 -0.58
C TRP A 82 18.31 -0.07 0.55
N ILE A 83 17.67 0.20 1.68
CA ILE A 83 18.36 0.72 2.86
C ILE A 83 17.98 -0.21 3.99
N PRO A 84 18.81 -0.25 5.06
CA PRO A 84 18.66 -1.28 6.10
C PRO A 84 17.26 -1.42 6.69
N VAL A 85 16.54 -0.33 6.96
CA VAL A 85 15.24 -0.48 7.63
C VAL A 85 14.23 -1.20 6.71
N LEU A 86 14.33 -0.94 5.40
CA LEU A 86 13.42 -1.55 4.45
C LEU A 86 13.77 -3.03 4.23
N GLU A 87 15.06 -3.35 4.23
CA GLU A 87 15.50 -4.75 4.13
C GLU A 87 15.03 -5.56 5.32
N ARG A 88 15.12 -4.97 6.50
CA ARG A 88 14.67 -5.61 7.74
C ARG A 88 13.19 -5.97 7.67
N ILE A 89 12.37 -5.02 7.23
CA ILE A 89 10.94 -5.26 7.11
C ILE A 89 10.66 -6.29 6.01
N ARG A 90 11.32 -6.10 4.86
CA ARG A 90 11.21 -7.07 3.76
C ARG A 90 11.54 -8.49 4.24
N ASP A 91 12.67 -8.64 4.91
CA ASP A 91 13.09 -9.96 5.37
C ASP A 91 12.09 -10.57 6.37
N HIS A 92 11.59 -9.77 7.29
CA HIS A 92 10.60 -10.31 8.24
C HIS A 92 9.35 -10.79 7.49
N VAL A 93 8.84 -9.97 6.59
CA VAL A 93 7.63 -10.29 5.84
C VAL A 93 7.83 -11.58 5.04
N SER A 94 8.97 -11.69 4.36
CA SER A 94 9.30 -12.91 3.63
C SER A 94 9.41 -14.09 4.59
N GLY A 95 10.10 -13.91 5.69
CA GLY A 95 10.19 -14.98 6.69
C GLY A 95 8.82 -15.50 7.08
N VAL A 96 7.87 -14.61 7.33
CA VAL A 96 6.57 -15.01 7.86
C VAL A 96 5.60 -15.53 6.80
N THR A 97 5.82 -15.18 5.54
CA THR A 97 4.88 -15.55 4.48
C THR A 97 5.44 -16.57 3.51
N GLY A 98 6.76 -16.63 3.38
CA GLY A 98 7.37 -17.50 2.39
C GLY A 98 7.40 -16.88 0.99
N GLN A 99 7.09 -15.59 0.90
CA GLN A 99 7.09 -14.93 -0.40
C GLN A 99 8.28 -14.01 -0.50
N THR A 100 8.67 -13.63 -1.70
CA THR A 100 9.77 -12.71 -1.86
C THR A 100 9.31 -11.49 -2.64
N PHE A 101 10.08 -10.42 -2.55
CA PHE A 101 9.70 -9.14 -3.13
C PHE A 101 10.96 -8.43 -3.57
N ASN A 102 10.91 -7.67 -4.65
CA ASN A 102 12.11 -6.97 -5.09
C ASN A 102 11.90 -5.45 -5.18
N PHE A 103 10.84 -4.97 -4.53
CA PHE A 103 10.39 -3.59 -4.73
C PHE A 103 9.45 -3.18 -3.61
N VAL A 104 9.52 -1.92 -3.18
CA VAL A 104 8.53 -1.44 -2.22
C VAL A 104 8.08 -0.02 -2.58
N LEU A 105 6.76 0.18 -2.62
CA LEU A 105 6.21 1.50 -2.74
C LEU A 105 5.84 1.99 -1.35
N ILE A 106 6.27 3.19 -0.99
CA ILE A 106 5.98 3.75 0.32
C ILE A 106 5.08 4.95 0.15
N ASN A 107 3.93 4.93 0.81
CA ASN A 107 3.03 6.09 0.84
C ASN A 107 2.94 6.62 2.24
N ARG A 108 3.20 7.92 2.43
CA ARG A 108 3.09 8.53 3.76
C ARG A 108 1.95 9.54 3.76
N TYR A 109 1.07 9.37 4.74
CA TYR A 109 -0.13 10.19 4.89
C TYR A 109 0.09 11.04 6.13
N LYS A 110 0.31 12.35 5.95
CA LYS A 110 0.76 13.16 7.10
C LYS A 110 -0.31 13.25 8.19
N ASP A 111 -1.56 13.12 7.79
CA ASP A 111 -2.69 13.17 8.72
C ASP A 111 -3.89 12.64 7.97
N GLY A 112 -5.08 12.70 8.56
CA GLY A 112 -6.29 12.15 7.93
C GLY A 112 -6.75 12.82 6.65
N SER A 113 -6.20 13.99 6.32
CA SER A 113 -6.60 14.65 5.07
CA SER A 113 -6.60 14.65 5.07
C SER A 113 -5.77 14.16 3.88
N ASP A 114 -4.59 13.59 4.16
CA ASP A 114 -3.86 12.90 3.10
C ASP A 114 -4.60 11.60 2.80
N HIS A 115 -4.57 11.14 1.56
CA HIS A 115 -5.43 10.03 1.20
C HIS A 115 -4.97 9.42 -0.12
N ILE A 116 -5.65 8.37 -0.53
CA ILE A 116 -5.38 7.80 -1.86
C ILE A 116 -6.68 7.31 -2.47
N GLY A 117 -6.88 7.61 -3.74
CA GLY A 117 -8.13 7.25 -4.39
C GLY A 117 -8.19 5.79 -4.83
N GLU A 118 -9.36 5.38 -5.30
CA GLU A 118 -9.61 3.98 -5.61
C GLU A 118 -8.82 3.48 -6.80
N HIS A 119 -8.17 2.34 -6.66
CA HIS A 119 -7.47 1.75 -7.80
C HIS A 119 -7.22 0.27 -7.52
N ARG A 120 -6.94 -0.48 -8.57
CA ARG A 120 -6.46 -1.85 -8.43
C ARG A 120 -4.94 -1.84 -8.60
N ASP A 121 -4.25 -2.78 -7.97
CA ASP A 121 -2.83 -2.97 -8.23
C ASP A 121 -2.67 -4.00 -9.34
N ASP A 122 -2.95 -3.59 -10.57
CA ASP A 122 -2.90 -4.47 -11.71
C ASP A 122 -1.84 -4.04 -12.72
N CYS A 123 -0.75 -3.43 -12.24
CA CYS A 123 0.37 -3.08 -13.13
C CYS A 123 0.66 -4.14 -14.13
N ARG A 124 1.11 -3.74 -15.31
CA ARG A 124 1.75 -4.66 -16.24
C ARG A 124 3.04 -5.16 -15.61
N GLU A 125 3.84 -4.23 -15.08
CA GLU A 125 5.12 -4.61 -14.52
C GLU A 125 4.98 -5.54 -13.31
N LEU A 126 3.78 -5.70 -12.78
CA LEU A 126 3.55 -6.62 -11.64
C LEU A 126 3.56 -8.07 -12.08
N ALA A 127 4.25 -8.92 -11.33
CA ALA A 127 4.27 -10.35 -11.64
C ALA A 127 2.86 -10.92 -11.56
N PRO A 128 2.36 -11.45 -12.69
CA PRO A 128 1.09 -12.18 -12.70
C PRO A 128 0.93 -13.11 -11.49
N GLY A 129 -0.17 -12.94 -10.75
CA GLY A 129 -0.52 -13.84 -9.65
C GLY A 129 0.23 -13.63 -8.34
N SER A 130 1.12 -12.63 -8.28
CA SER A 130 1.93 -12.47 -7.08
C SER A 130 1.20 -11.65 -6.01
N PRO A 131 1.47 -11.97 -4.74
CA PRO A 131 0.85 -11.26 -3.63
C PRO A 131 1.52 -9.92 -3.39
N ILE A 132 0.78 -9.03 -2.75
CA ILE A 132 1.30 -7.74 -2.35
C ILE A 132 1.21 -7.68 -0.83
N ALA A 133 2.30 -7.30 -0.19
CA ALA A 133 2.35 -7.24 1.27
C ALA A 133 2.28 -5.79 1.72
N SER A 134 1.20 -5.44 2.42
CA SER A 134 1.02 -4.07 2.87
C SER A 134 1.27 -3.95 4.39
N VAL A 135 2.36 -3.25 4.74
CA VAL A 135 2.80 -3.12 6.13
C VAL A 135 2.61 -1.66 6.59
N SER A 136 1.88 -1.46 7.69
CA SER A 136 1.55 -0.11 8.12
C SER A 136 2.20 0.25 9.44
N PHE A 137 2.63 1.51 9.55
CA PHE A 137 3.17 2.08 10.79
C PHE A 137 2.57 3.46 11.06
N GLY A 138 2.37 3.78 12.33
CA GLY A 138 1.85 5.10 12.71
C GLY A 138 0.36 5.03 12.98
N ALA A 139 -0.37 6.06 12.58
CA ALA A 139 -1.79 6.12 12.90
C ALA A 139 -2.54 5.00 12.22
N SER A 140 -3.52 4.44 12.92
CA SER A 140 -4.45 3.55 12.27
C SER A 140 -5.25 4.32 11.19
N ARG A 141 -5.42 3.72 10.02
CA ARG A 141 -6.28 4.31 9.00
C ARG A 141 -7.24 3.27 8.42
N ASP A 142 -8.45 3.68 8.07
CA ASP A 142 -9.42 2.79 7.43
C ASP A 142 -9.07 2.54 5.96
N PHE A 143 -9.06 1.27 5.57
CA PHE A 143 -8.71 0.80 4.24
C PHE A 143 -9.99 0.15 3.67
N VAL A 144 -10.32 0.46 2.42
CA VAL A 144 -11.64 0.09 1.88
C VAL A 144 -11.48 -0.64 0.55
N PHE A 145 -12.03 -1.84 0.47
CA PHE A 145 -12.08 -2.64 -0.76
C PHE A 145 -13.47 -2.50 -1.40
N ARG A 146 -13.52 -2.17 -2.69
CA ARG A 146 -14.79 -2.22 -3.45
C ARG A 146 -14.67 -3.09 -4.69
N HIS A 147 -15.67 -3.95 -4.91
CA HIS A 147 -15.64 -4.86 -6.05
C HIS A 147 -15.77 -4.11 -7.37
N LYS A 148 -15.00 -4.51 -8.36
CA LYS A 148 -15.07 -3.84 -9.66
C LYS A 148 -16.49 -3.71 -10.26
N ASP A 149 -17.35 -4.70 -10.03
CA ASP A 149 -18.70 -4.73 -10.61
C ASP A 149 -19.73 -3.96 -9.81
N SER A 150 -19.30 -3.33 -8.72
CA SER A 150 -20.26 -2.70 -7.82
C SER A 150 -20.17 -1.17 -7.79
N ARG A 151 -19.37 -0.60 -8.69
CA ARG A 151 -19.17 0.86 -8.70
C ARG A 151 -19.80 1.51 -9.93
N GLY A 152 -20.30 2.74 -9.75
CA GLY A 152 -21.12 3.41 -10.75
C GLY A 152 -22.50 3.63 -10.18
N LYS A 153 -23.36 4.36 -10.89
CA LYS A 153 -24.73 4.59 -10.44
C LYS A 153 -25.54 3.30 -10.51
N SER A 154 -25.53 2.68 -11.69
CA SER A 154 -26.11 1.36 -11.87
C SER A 154 -24.99 0.32 -12.05
N PRO A 155 -24.65 -0.39 -10.98
CA PRO A 155 -23.64 -1.44 -11.02
C PRO A 155 -24.17 -2.74 -11.63
N SER A 156 -23.27 -3.56 -12.16
CA SER A 156 -23.62 -4.88 -12.66
C SER A 156 -24.12 -5.75 -11.51
N ARG A 157 -23.61 -5.49 -10.31
CA ARG A 157 -24.00 -6.21 -9.09
C ARG A 157 -23.76 -5.33 -7.90
N ARG A 158 -24.47 -5.58 -6.81
CA ARG A 158 -24.21 -4.82 -5.59
C ARG A 158 -23.55 -5.69 -4.54
N VAL A 159 -22.24 -5.84 -4.67
CA VAL A 159 -21.47 -6.57 -3.69
C VAL A 159 -21.07 -5.64 -2.56
N ALA A 160 -21.07 -6.16 -1.34
CA ALA A 160 -20.81 -5.36 -0.15
C ALA A 160 -19.38 -4.85 -0.14
N VAL A 161 -19.22 -3.57 0.19
CA VAL A 161 -17.91 -2.99 0.42
C VAL A 161 -17.23 -3.70 1.60
N VAL A 162 -15.92 -3.81 1.58
CA VAL A 162 -15.18 -4.42 2.70
C VAL A 162 -14.23 -3.41 3.33
N ARG A 163 -14.37 -3.19 4.64
CA ARG A 163 -13.62 -2.13 5.35
C ARG A 163 -12.79 -2.70 6.48
N LEU A 164 -11.51 -2.31 6.53
CA LEU A 164 -10.61 -2.79 7.57
CA LEU A 164 -10.58 -2.80 7.55
C LEU A 164 -9.79 -1.63 8.13
N PRO A 165 -9.70 -1.55 9.47
CA PRO A 165 -8.74 -0.58 10.02
C PRO A 165 -7.37 -1.23 9.93
N LEU A 166 -6.37 -0.55 9.37
CA LEU A 166 -5.03 -1.12 9.34
C LEU A 166 -4.21 -0.50 10.49
N ALA A 167 -3.88 -1.30 11.51
CA ALA A 167 -3.13 -0.81 12.69
C ALA A 167 -1.61 -0.68 12.52
N HIS A 168 -1.00 0.13 13.39
CA HIS A 168 0.42 0.28 13.57
C HIS A 168 1.06 -1.11 13.70
N GLY A 169 2.11 -1.37 12.91
CA GLY A 169 2.78 -2.69 12.96
C GLY A 169 2.09 -3.87 12.28
N SER A 170 1.04 -3.62 11.48
CA SER A 170 0.24 -4.69 10.88
C SER A 170 0.68 -5.04 9.47
N LEU A 171 0.29 -6.23 9.03
CA LEU A 171 0.59 -6.69 7.69
C LEU A 171 -0.71 -7.13 7.05
N LEU A 172 -0.99 -6.59 5.87
CA LEU A 172 -2.14 -7.03 5.09
C LEU A 172 -1.61 -7.67 3.83
N MET A 173 -1.89 -8.95 3.65
CA MET A 173 -1.47 -9.69 2.47
C MET A 173 -2.62 -9.67 1.48
N MET A 174 -2.33 -9.18 0.28
CA MET A 174 -3.31 -9.16 -0.77
C MET A 174 -2.92 -10.23 -1.80
N ASN A 175 -3.61 -11.36 -1.73
CA ASN A 175 -3.31 -12.53 -2.58
C ASN A 175 -4.18 -12.60 -3.84
N HIS A 176 -3.65 -13.21 -4.90
CA HIS A 176 -4.43 -13.44 -6.13
C HIS A 176 -5.71 -14.16 -5.71
N PRO A 177 -6.87 -13.79 -6.30
CA PRO A 177 -7.11 -12.82 -7.36
C PRO A 177 -7.62 -11.47 -6.86
N THR A 178 -7.37 -11.14 -5.59
CA THR A 178 -7.86 -9.90 -5.00
C THR A 178 -7.74 -8.71 -5.96
N ASN A 179 -6.58 -8.56 -6.59
CA ASN A 179 -6.32 -7.33 -7.35
C ASN A 179 -6.87 -7.32 -8.78
N THR A 180 -7.48 -8.42 -9.20
CA THR A 180 -8.15 -8.41 -10.47
C THR A 180 -9.60 -7.95 -10.26
N HIS A 181 -10.19 -8.26 -9.12
CA HIS A 181 -11.61 -7.97 -8.92
C HIS A 181 -11.96 -6.76 -8.02
N TRP A 182 -11.04 -6.35 -7.15
CA TRP A 182 -11.33 -5.33 -6.13
C TRP A 182 -10.44 -4.09 -6.26
N TYR A 183 -11.06 -2.90 -6.17
CA TYR A 183 -10.36 -1.66 -6.04
C TYR A 183 -10.15 -1.37 -4.55
N HIS A 184 -9.09 -0.66 -4.19
CA HIS A 184 -8.97 -0.24 -2.80
C HIS A 184 -8.61 1.24 -2.71
N SER A 185 -8.78 1.80 -1.51
CA SER A 185 -8.48 3.22 -1.32
C SER A 185 -8.27 3.43 0.16
N LEU A 186 -7.74 4.60 0.51
CA LEU A 186 -7.61 5.01 1.90
C LEU A 186 -8.30 6.36 1.99
N PRO A 187 -9.57 6.36 2.39
CA PRO A 187 -10.35 7.58 2.35
C PRO A 187 -9.90 8.59 3.43
N VAL A 188 -10.20 9.86 3.18
CA VAL A 188 -10.02 10.93 4.17
C VAL A 188 -10.69 10.58 5.50
N ARG A 189 -9.96 10.83 6.59
CA ARG A 189 -10.48 10.69 7.93
C ARG A 189 -10.06 11.94 8.72
N LYS A 190 -10.95 12.93 8.74
CA LYS A 190 -10.57 14.27 9.21
C LYS A 190 -10.08 14.28 10.67
N LYS A 191 -10.55 13.34 11.48
CA LYS A 191 -10.22 13.37 12.90
C LYS A 191 -8.87 12.75 13.17
N VAL A 192 -8.25 12.16 12.15
CA VAL A 192 -6.94 11.56 12.35
C VAL A 192 -5.91 12.67 12.15
N LEU A 193 -5.14 12.96 13.20
CA LEU A 193 -4.21 14.08 13.18
C LEU A 193 -2.74 13.64 13.02
N ALA A 194 -2.46 12.35 13.19
CA ALA A 194 -1.07 11.86 13.16
C ALA A 194 -0.71 11.13 11.87
N PRO A 195 0.60 11.01 11.60
CA PRO A 195 1.07 10.44 10.33
C PRO A 195 1.03 8.92 10.25
N ARG A 196 0.89 8.41 9.03
CA ARG A 196 0.95 6.98 8.81
C ARG A 196 1.88 6.71 7.64
N VAL A 197 2.71 5.68 7.75
CA VAL A 197 3.56 5.27 6.65
C VAL A 197 3.13 3.89 6.25
N ASN A 198 2.82 3.69 4.97
CA ASN A 198 2.49 2.36 4.49
C ASN A 198 3.51 1.88 3.47
N LEU A 199 3.94 0.64 3.64
CA LEU A 199 4.84 0.02 2.68
C LEU A 199 4.14 -1.12 1.95
N THR A 200 4.13 -1.08 0.62
CA THR A 200 3.56 -2.18 -0.15
C THR A 200 4.69 -2.86 -0.93
N PHE A 201 5.06 -4.06 -0.48
CA PHE A 201 6.14 -4.80 -1.10
C PHE A 201 5.56 -5.58 -2.24
N ARG A 202 6.30 -5.63 -3.34
CA ARG A 202 5.81 -6.19 -4.58
C ARG A 202 6.91 -6.98 -5.28
N LYS A 203 6.49 -7.91 -6.14
CA LYS A 203 7.42 -8.59 -7.02
C LYS A 203 7.23 -7.99 -8.41
N ILE A 204 8.18 -7.15 -8.85
CA ILE A 204 8.08 -6.45 -10.14
C ILE A 204 8.88 -7.16 -11.23
N LEU A 205 8.45 -7.03 -12.48
CA LEU A 205 9.19 -7.60 -13.61
C LEU A 205 10.17 -6.62 -14.22
N LEU A 206 11.41 -7.07 -14.38
CA LEU A 206 12.49 -6.19 -14.84
C LEU A 206 12.28 -5.77 -16.29
O2 ME6 B 5 -12.36 5.03 -20.46
C2 ME6 B 5 -13.42 4.39 -20.22
N3 ME6 B 5 -14.44 4.62 -21.05
C20 ME6 B 5 -14.26 5.56 -22.17
C4 ME6 B 5 -15.62 3.97 -20.89
N4 ME6 B 5 -16.65 4.19 -21.75
C5 ME6 B 5 -15.78 3.06 -19.84
C6 ME6 B 5 -14.73 2.84 -18.96
N1 ME6 B 5 -13.53 3.46 -19.15
C1' ME6 B 5 -12.49 3.17 -18.13
O4' ME6 B 5 -11.09 3.38 -18.39
C2' ME6 B 5 -12.60 1.80 -17.47
C3' ME6 B 5 -11.43 1.97 -16.53
O3' ME6 B 5 -11.78 2.99 -15.62
C4' ME6 B 5 -10.40 2.51 -17.49
C5' ME6 B 5 -10.08 1.32 -18.36
O5' ME6 B 5 -10.27 1.89 -19.62
P ME6 B 5 -10.92 1.00 -20.78
O2P ME6 B 5 -9.90 -0.02 -21.23
O1P ME6 B 5 -12.26 0.53 -20.27
P 2YR B 7 -6.16 6.29 -12.10
OP1 2YR B 7 -5.03 6.71 -12.93
OP2 2YR B 7 -6.41 4.86 -11.88
O5' 2YR B 7 -6.04 7.08 -10.70
C5' 2YR B 7 -7.05 6.97 -9.71
C4' 2YR B 7 -6.37 6.92 -8.34
O4' 2YR B 7 -5.64 5.69 -8.21
C3' 2YR B 7 -5.34 8.02 -8.11
O3' 2YR B 7 -5.41 8.38 -6.73
C2' 2YR B 7 -4.02 7.34 -8.45
C1' 2YR B 7 -4.29 5.95 -7.90
N1 2YR B 7 -3.49 4.86 -8.47
C2 2YR B 7 -2.40 4.42 -7.74
O2 2YR B 7 -2.08 4.94 -6.67
N3 2YR B 7 -1.67 3.42 -8.21
C4 2YR B 7 -1.99 2.87 -9.37
N4 2YR B 7 -1.13 1.91 -9.63
C5 2YR B 7 -3.10 3.27 -10.16
C6 2YR B 7 -3.83 4.30 -9.67
S 2YR B 7 0.38 -1.19 -10.20
C8 2YR B 7 0.33 0.56 -10.61
C9 2YR B 7 -1.10 1.02 -10.75
#